data_2D44
#
_entry.id   2D44
#
_cell.length_a   39.530
_cell.length_b   98.748
_cell.length_c   143.946
_cell.angle_alpha   90.00
_cell.angle_beta   90.00
_cell.angle_gamma   90.00
#
_symmetry.space_group_name_H-M   'P 21 21 21'
#
loop_
_entity.id
_entity.type
_entity.pdbx_description
1 polymer 'alpha-L-arabinofuranosidase B'
2 branched 2-acetamido-2-deoxy-beta-D-glucopyranose-(1-4)-2-acetamido-2-deoxy-beta-D-glucopyranose
3 branched alpha-L-arabinofuranose-(1-2)-alpha-D-xylopyranose-(1-4)-alpha-D-xylopyranose
4 water water
#
_entity_poly.entity_id   1
_entity_poly.type   'polypeptide(L)'
_entity_poly.pdbx_seq_one_letter_code
;MGPCDIYEAGDTPCVAAHSTTRALYSSFSGALYQLQRGSDDTTTTISPLTAGGIADASAQDTFCANTTCLITIIYDQSGN
GNHLTQAPPGGFDGPDTDGYDNLASAIGAPVTLNGQKAYGVFMSPGTGYRNNEATGTATGDEAEGMYAVLDGTHYNDACC
FDYGNAETSSTDTGAGHMEAIYLGNSTTWGYGAGDGPWIMVDMANNLFSGADEGYNSGDPSISYRFVTAAVKGGADKWAI
RGANAASGSLSTYYSGARPDYSGYNPMSKEGAIILGIGGDNSNGAQGTFYEGVMTSGYPSDDTENSVQENIVAAKYVVGS
LVSGPSFTSGEVVSLRVTTPGYTTRYIAHTDTTVNTQVVDDDSSTTLKEEASWTVVTGLANSQCFSFESVDTPGSYIRHY
NFELLLNANDGTKQFHEDATFCPQAALNGEGTSLRSWSYPTRYFRHYENVLYAASNGGVQTFDSKTSFNNDVSFEIETAF
AS
;
_entity_poly.pdbx_strand_id   A
#
# COMPACT_ATOMS: atom_id res chain seq x y z
N MET A 1 -24.20 -14.00 4.93
CA MET A 1 -23.91 -13.50 3.55
C MET A 1 -22.68 -12.61 3.51
N GLY A 2 -22.00 -12.63 2.37
CA GLY A 2 -20.81 -11.81 2.19
C GLY A 2 -21.14 -10.68 1.22
N PRO A 3 -20.23 -9.70 1.06
CA PRO A 3 -20.44 -8.57 0.16
C PRO A 3 -21.08 -8.95 -1.17
N CYS A 4 -20.44 -9.87 -1.89
CA CYS A 4 -20.95 -10.30 -3.18
C CYS A 4 -22.28 -11.06 -3.11
N ASP A 5 -22.57 -11.70 -1.99
CA ASP A 5 -23.83 -12.40 -1.86
C ASP A 5 -24.90 -11.30 -1.82
N ILE A 6 -24.60 -10.23 -1.09
CA ILE A 6 -25.51 -9.10 -0.96
C ILE A 6 -25.76 -8.42 -2.30
N TYR A 7 -24.71 -8.21 -3.07
CA TYR A 7 -24.82 -7.59 -4.40
C TYR A 7 -25.64 -8.45 -5.35
N GLU A 8 -25.46 -9.76 -5.27
CA GLU A 8 -26.17 -10.71 -6.11
C GLU A 8 -27.65 -10.60 -5.75
N ALA A 9 -27.93 -10.49 -4.46
CA ALA A 9 -29.31 -10.37 -3.99
C ALA A 9 -29.96 -9.10 -4.55
N GLY A 10 -29.15 -8.08 -4.84
CA GLY A 10 -29.67 -6.85 -5.39
C GLY A 10 -29.70 -6.78 -6.91
N ASP A 11 -29.40 -7.91 -7.56
CA ASP A 11 -29.41 -7.98 -9.02
C ASP A 11 -28.27 -7.24 -9.71
N THR A 12 -27.23 -6.92 -8.95
CA THR A 12 -26.05 -6.25 -9.50
C THR A 12 -24.88 -7.05 -8.94
N PRO A 13 -24.70 -8.28 -9.45
CA PRO A 13 -23.66 -9.24 -9.06
C PRO A 13 -22.21 -8.82 -9.33
N CYS A 14 -21.32 -9.34 -8.49
CA CYS A 14 -19.90 -9.07 -8.62
C CYS A 14 -19.42 -9.77 -9.88
N VAL A 15 -18.58 -9.09 -10.66
CA VAL A 15 -18.00 -9.68 -11.85
C VAL A 15 -16.50 -9.73 -11.60
N ALA A 16 -16.09 -9.15 -10.48
CA ALA A 16 -14.69 -9.13 -10.06
C ALA A 16 -14.70 -8.92 -8.55
N ALA A 17 -13.95 -9.74 -7.81
CA ALA A 17 -13.91 -9.60 -6.36
C ALA A 17 -12.53 -9.93 -5.83
N HIS A 18 -11.89 -8.94 -5.20
CA HIS A 18 -10.55 -9.12 -4.68
C HIS A 18 -10.38 -8.76 -3.21
N SER A 19 -9.57 -9.55 -2.53
CA SER A 19 -9.27 -9.33 -1.12
C SER A 19 -8.23 -10.32 -0.63
N THR A 20 -7.21 -9.81 0.05
CA THR A 20 -6.17 -10.66 0.58
C THR A 20 -6.47 -10.91 2.05
N THR A 21 -7.57 -10.34 2.54
CA THR A 21 -7.95 -10.47 3.94
C THR A 21 -9.08 -11.44 4.21
N ARG A 22 -10.10 -11.44 3.36
CA ARG A 22 -11.23 -12.34 3.56
C ARG A 22 -11.97 -12.74 2.29
N ALA A 23 -12.75 -13.81 2.41
CA ALA A 23 -13.55 -14.30 1.29
C ALA A 23 -14.68 -13.27 1.18
N LEU A 24 -15.12 -13.00 -0.03
CA LEU A 24 -16.20 -12.03 -0.22
C LEU A 24 -17.50 -12.74 -0.52
N TYR A 25 -17.45 -14.06 -0.52
CA TYR A 25 -18.62 -14.90 -0.77
C TYR A 25 -18.67 -15.83 0.44
N SER A 26 -19.87 -16.06 0.98
CA SER A 26 -20.00 -16.94 2.14
C SER A 26 -19.55 -18.36 1.82
N SER A 27 -19.58 -18.72 0.54
CA SER A 27 -19.20 -20.06 0.12
C SER A 27 -17.84 -20.19 -0.55
N PHE A 28 -17.05 -19.13 -0.56
CA PHE A 28 -15.74 -19.19 -1.21
C PHE A 28 -14.68 -19.73 -0.26
N SER A 29 -13.86 -20.65 -0.77
CA SER A 29 -12.80 -21.25 0.04
C SER A 29 -11.54 -21.47 -0.81
N GLY A 30 -11.56 -20.95 -2.03
CA GLY A 30 -10.42 -21.09 -2.90
C GLY A 30 -9.27 -20.21 -2.46
N ALA A 31 -8.36 -19.89 -3.38
CA ALA A 31 -7.21 -19.07 -3.05
C ALA A 31 -7.54 -17.58 -3.10
N LEU A 32 -7.06 -16.85 -2.08
CA LEU A 32 -7.29 -15.41 -2.02
C LEU A 32 -6.18 -14.68 -2.78
N TYR A 33 -4.94 -15.15 -2.62
CA TYR A 33 -3.80 -14.56 -3.29
C TYR A 33 -2.60 -15.51 -3.28
N GLN A 34 -1.56 -15.14 -4.05
CA GLN A 34 -0.35 -15.94 -4.16
C GLN A 34 0.86 -15.18 -3.59
N LEU A 35 1.79 -15.94 -3.00
CA LEU A 35 2.99 -15.37 -2.41
C LEU A 35 4.21 -15.94 -3.11
N GLN A 36 5.34 -15.25 -2.95
CA GLN A 36 6.63 -15.68 -3.50
C GLN A 36 7.72 -15.15 -2.59
N ARG A 37 8.48 -16.04 -1.98
CA ARG A 37 9.56 -15.63 -1.07
C ARG A 37 10.89 -15.43 -1.78
N GLY A 38 11.63 -14.41 -1.37
CA GLY A 38 12.90 -14.08 -2.00
C GLY A 38 13.97 -15.14 -1.83
N SER A 39 13.84 -15.94 -0.78
CA SER A 39 14.80 -17.00 -0.49
C SER A 39 15.12 -17.89 -1.69
N ASP A 40 14.09 -18.51 -2.25
CA ASP A 40 14.25 -19.42 -3.39
C ASP A 40 13.31 -19.08 -4.55
N ASP A 41 12.50 -18.03 -4.36
CA ASP A 41 11.57 -17.61 -5.40
C ASP A 41 10.39 -18.54 -5.64
N THR A 42 10.18 -19.50 -4.74
CA THR A 42 9.05 -20.42 -4.90
C THR A 42 7.77 -19.71 -4.47
N THR A 43 6.63 -20.32 -4.76
CA THR A 43 5.34 -19.70 -4.42
C THR A 43 4.45 -20.61 -3.61
N THR A 44 3.34 -20.05 -3.14
CA THR A 44 2.35 -20.76 -2.37
C THR A 44 1.12 -19.85 -2.36
N THR A 45 -0.04 -20.39 -2.04
CA THR A 45 -1.25 -19.59 -2.01
C THR A 45 -1.84 -19.57 -0.63
N ILE A 46 -2.66 -18.56 -0.36
CA ILE A 46 -3.31 -18.40 0.93
C ILE A 46 -4.82 -18.38 0.72
N SER A 47 -5.53 -19.29 1.37
CA SER A 47 -6.98 -19.39 1.27
C SER A 47 -7.62 -19.06 2.61
N PRO A 48 -8.94 -18.87 2.66
CA PRO A 48 -9.61 -18.55 3.92
C PRO A 48 -9.40 -19.71 4.89
N LEU A 49 -9.58 -19.46 6.18
CA LEU A 49 -9.41 -20.54 7.18
C LEU A 49 -10.57 -21.52 7.04
N THR A 50 -11.72 -20.98 6.62
CA THR A 50 -12.93 -21.76 6.43
C THR A 50 -13.71 -21.11 5.30
N ALA A 51 -14.68 -21.82 4.74
CA ALA A 51 -15.48 -21.27 3.65
C ALA A 51 -16.05 -19.92 4.08
N GLY A 52 -15.87 -18.89 3.26
CA GLY A 52 -16.37 -17.58 3.57
C GLY A 52 -15.71 -17.00 4.81
N GLY A 53 -14.52 -17.49 5.15
CA GLY A 53 -13.84 -16.99 6.33
C GLY A 53 -12.68 -16.05 6.07
N ILE A 54 -11.87 -15.84 7.11
CA ILE A 54 -10.72 -14.96 7.04
C ILE A 54 -9.47 -15.67 6.51
N ALA A 55 -8.61 -14.90 5.83
CA ALA A 55 -7.37 -15.43 5.25
C ALA A 55 -6.54 -16.17 6.30
N ASP A 56 -5.86 -17.22 5.85
CA ASP A 56 -5.01 -18.02 6.73
C ASP A 56 -3.63 -17.38 6.82
N ALA A 57 -3.51 -16.38 7.69
CA ALA A 57 -2.25 -15.66 7.86
C ALA A 57 -1.07 -16.48 8.38
N SER A 58 -1.33 -17.37 9.33
CA SER A 58 -0.26 -18.19 9.90
C SER A 58 0.49 -18.94 8.81
N ALA A 59 -0.22 -19.27 7.73
CA ALA A 59 0.38 -20.00 6.62
C ALA A 59 1.37 -19.10 5.90
N GLN A 60 1.04 -17.81 5.80
CA GLN A 60 1.93 -16.86 5.13
C GLN A 60 3.16 -16.69 5.99
N ASP A 61 2.96 -16.52 7.29
CA ASP A 61 4.06 -16.34 8.22
C ASP A 61 5.05 -17.50 8.18
N THR A 62 4.51 -18.71 8.13
CA THR A 62 5.34 -19.90 8.05
C THR A 62 6.19 -19.87 6.79
N PHE A 63 5.54 -19.64 5.66
CA PHE A 63 6.21 -19.60 4.35
C PHE A 63 7.21 -18.46 4.20
N CYS A 64 6.92 -17.32 4.80
CA CYS A 64 7.80 -16.17 4.67
C CYS A 64 8.82 -16.01 5.79
N ALA A 65 8.94 -17.03 6.64
CA ALA A 65 9.89 -17.00 7.74
C ALA A 65 11.35 -16.81 7.27
N ASN A 66 12.09 -16.02 8.02
CA ASN A 66 13.51 -15.72 7.73
C ASN A 66 13.79 -15.26 6.31
N THR A 67 12.80 -14.68 5.64
CA THR A 67 12.97 -14.18 4.27
C THR A 67 11.97 -13.06 3.99
N THR A 68 11.87 -12.63 2.74
CA THR A 68 10.93 -11.58 2.37
C THR A 68 9.85 -12.15 1.46
N CYS A 69 8.70 -11.48 1.42
CA CYS A 69 7.59 -11.93 0.59
C CYS A 69 6.89 -10.85 -0.20
N LEU A 70 6.47 -11.21 -1.40
CA LEU A 70 5.76 -10.30 -2.28
C LEU A 70 4.42 -10.93 -2.65
N ILE A 71 3.42 -10.09 -2.90
CA ILE A 71 2.11 -10.57 -3.29
C ILE A 71 2.09 -10.56 -4.81
N THR A 72 2.25 -11.76 -5.39
CA THR A 72 2.28 -11.92 -6.83
C THR A 72 0.92 -11.88 -7.51
N ILE A 73 -0.11 -12.41 -6.85
CA ILE A 73 -1.44 -12.42 -7.46
C ILE A 73 -2.56 -12.23 -6.44
N ILE A 74 -3.57 -11.46 -6.84
CA ILE A 74 -4.74 -11.23 -6.01
C ILE A 74 -5.88 -11.83 -6.82
N TYR A 75 -6.21 -13.07 -6.49
CA TYR A 75 -7.24 -13.83 -7.18
C TYR A 75 -8.62 -13.22 -7.17
N ASP A 76 -9.36 -13.49 -8.25
CA ASP A 76 -10.72 -13.02 -8.41
C ASP A 76 -11.62 -14.14 -7.89
N GLN A 77 -12.36 -13.85 -6.83
CA GLN A 77 -13.23 -14.84 -6.21
C GLN A 77 -14.53 -15.07 -6.95
N SER A 78 -14.89 -14.20 -7.89
CA SER A 78 -16.15 -14.32 -8.61
C SER A 78 -16.22 -15.53 -9.53
N GLY A 79 -15.07 -15.98 -10.02
CA GLY A 79 -15.06 -17.11 -10.92
C GLY A 79 -14.78 -16.69 -12.35
N ASN A 80 -14.76 -15.38 -12.60
CA ASN A 80 -14.50 -14.85 -13.93
C ASN A 80 -13.03 -14.89 -14.31
N GLY A 81 -12.18 -15.23 -13.36
CA GLY A 81 -10.75 -15.29 -13.63
C GLY A 81 -10.13 -13.92 -13.82
N ASN A 82 -10.69 -12.90 -13.19
CA ASN A 82 -10.15 -11.56 -13.32
C ASN A 82 -9.10 -11.26 -12.25
N HIS A 83 -8.13 -12.16 -12.13
CA HIS A 83 -7.07 -12.00 -11.13
C HIS A 83 -6.23 -10.80 -11.47
N LEU A 84 -5.61 -10.22 -10.44
CA LEU A 84 -4.75 -9.07 -10.63
C LEU A 84 -3.31 -9.54 -10.50
N THR A 85 -2.47 -9.13 -11.47
CA THR A 85 -1.07 -9.50 -11.47
C THR A 85 -0.22 -8.25 -11.73
N GLN A 86 1.09 -8.38 -11.62
CA GLN A 86 2.02 -7.26 -11.80
C GLN A 86 1.67 -6.36 -12.99
N ALA A 87 1.34 -5.10 -12.70
CA ALA A 87 0.98 -4.13 -13.72
C ALA A 87 2.12 -3.83 -14.69
N PRO A 88 1.84 -3.89 -16.02
CA PRO A 88 2.81 -3.64 -17.09
C PRO A 88 2.93 -2.15 -17.44
N PRO A 89 3.99 -1.78 -18.18
CA PRO A 89 4.19 -0.38 -18.56
C PRO A 89 3.10 0.06 -19.54
N GLY A 90 2.89 1.37 -19.65
CA GLY A 90 1.88 1.85 -20.56
C GLY A 90 2.28 3.23 -21.04
N GLY A 91 1.39 4.20 -20.87
CA GLY A 91 1.74 5.55 -21.25
C GLY A 91 3.01 5.90 -20.47
N PHE A 92 3.08 5.38 -19.25
CA PHE A 92 4.23 5.59 -18.36
C PHE A 92 4.85 4.24 -18.01
N ASP A 93 6.15 4.25 -17.69
CA ASP A 93 6.84 3.03 -17.31
C ASP A 93 6.84 2.85 -15.80
N GLY A 94 6.90 1.60 -15.37
CA GLY A 94 6.96 1.31 -13.95
C GLY A 94 8.43 1.30 -13.57
N PRO A 95 8.76 1.33 -12.29
CA PRO A 95 10.18 1.33 -11.89
C PRO A 95 10.82 -0.06 -11.93
N ASP A 96 10.03 -1.08 -12.21
CA ASP A 96 10.52 -2.45 -12.25
C ASP A 96 11.08 -2.88 -13.60
N THR A 97 11.58 -4.11 -13.63
CA THR A 97 12.17 -4.67 -14.84
C THR A 97 11.27 -4.45 -16.05
N ASP A 98 11.87 -4.01 -17.14
CA ASP A 98 11.16 -3.76 -18.38
C ASP A 98 9.97 -2.82 -18.28
N GLY A 99 9.93 -1.99 -17.23
CA GLY A 99 8.84 -1.05 -17.09
C GLY A 99 7.60 -1.51 -16.36
N TYR A 100 7.65 -2.70 -15.75
CA TYR A 100 6.52 -3.19 -14.99
C TYR A 100 6.52 -2.42 -13.67
N ASP A 101 5.39 -2.46 -12.96
CA ASP A 101 5.30 -1.79 -11.67
C ASP A 101 5.80 -2.78 -10.62
N ASN A 102 6.05 -2.31 -9.41
CA ASN A 102 6.52 -3.19 -8.35
C ASN A 102 5.38 -3.98 -7.74
N LEU A 103 5.66 -5.22 -7.35
CA LEU A 103 4.68 -6.04 -6.66
C LEU A 103 4.75 -5.49 -5.23
N ALA A 104 3.69 -5.65 -4.45
CA ALA A 104 3.68 -5.13 -3.09
C ALA A 104 4.18 -6.15 -2.08
N SER A 105 4.68 -5.66 -0.94
CA SER A 105 5.14 -6.53 0.13
C SER A 105 3.93 -7.30 0.67
N ALA A 106 4.19 -8.41 1.34
CA ALA A 106 3.10 -9.20 1.90
C ALA A 106 2.82 -8.86 3.36
N ILE A 107 3.67 -8.02 3.95
CA ILE A 107 3.52 -7.64 5.36
C ILE A 107 3.45 -6.15 5.63
N GLY A 108 3.06 -5.36 4.63
CA GLY A 108 2.98 -3.93 4.82
C GLY A 108 1.72 -3.41 5.49
N ALA A 109 0.65 -4.21 5.44
CA ALA A 109 -0.63 -3.80 6.02
C ALA A 109 -1.27 -4.85 6.93
N PRO A 110 -0.64 -5.14 8.09
CA PRO A 110 -1.22 -6.13 9.00
C PRO A 110 -2.46 -5.64 9.73
N VAL A 111 -3.48 -6.48 9.78
CA VAL A 111 -4.73 -6.14 10.47
C VAL A 111 -5.35 -7.38 11.08
N THR A 112 -6.49 -7.18 11.71
CA THR A 112 -7.25 -8.28 12.29
C THR A 112 -8.69 -7.98 11.94
N LEU A 113 -9.40 -9.02 11.52
CA LEU A 113 -10.82 -8.88 11.19
C LEU A 113 -11.53 -9.71 12.24
N ASN A 114 -12.06 -9.03 13.25
CA ASN A 114 -12.76 -9.69 14.33
C ASN A 114 -11.83 -10.62 15.12
N GLY A 115 -10.63 -10.11 15.43
CA GLY A 115 -9.67 -10.88 16.19
C GLY A 115 -8.79 -11.83 15.39
N GLN A 116 -9.11 -12.02 14.11
CA GLN A 116 -8.33 -12.91 13.27
C GLN A 116 -7.37 -12.15 12.36
N LYS A 117 -6.07 -12.35 12.60
CA LYS A 117 -5.02 -11.69 11.84
C LYS A 117 -5.15 -11.88 10.33
N ALA A 118 -4.84 -10.81 9.60
CA ALA A 118 -4.91 -10.83 8.14
C ALA A 118 -3.94 -9.80 7.56
N TYR A 119 -3.71 -9.88 6.25
CA TYR A 119 -2.79 -8.96 5.58
C TYR A 119 -3.41 -8.22 4.41
N GLY A 120 -3.17 -6.91 4.35
CA GLY A 120 -3.68 -6.10 3.27
C GLY A 120 -2.59 -5.85 2.25
N VAL A 121 -2.90 -5.07 1.21
CA VAL A 121 -1.92 -4.77 0.17
C VAL A 121 -1.39 -3.35 0.35
N PHE A 122 -0.24 -3.23 1.01
CA PHE A 122 0.36 -1.92 1.26
C PHE A 122 1.14 -1.56 0.00
N MET A 123 0.64 -0.57 -0.73
CA MET A 123 1.27 -0.15 -1.98
C MET A 123 2.01 1.19 -1.90
N SER A 124 3.31 1.14 -2.16
CA SER A 124 4.16 2.33 -2.16
C SER A 124 4.23 2.88 -3.57
N PRO A 125 4.64 4.15 -3.73
CA PRO A 125 4.73 4.70 -5.08
C PRO A 125 5.51 3.77 -6.01
N GLY A 126 4.95 3.44 -7.17
CA GLY A 126 5.63 2.57 -8.10
C GLY A 126 5.04 1.17 -8.13
N THR A 127 4.17 0.89 -7.16
CA THR A 127 3.52 -0.41 -7.04
C THR A 127 2.22 -0.40 -7.85
N GLY A 128 1.79 -1.56 -8.32
CA GLY A 128 0.56 -1.63 -9.09
C GLY A 128 0.21 -3.00 -9.66
N TYR A 129 -1.08 -3.28 -9.75
CA TYR A 129 -1.58 -4.54 -10.29
C TYR A 129 -2.58 -4.24 -11.41
N ARG A 130 -2.82 -5.23 -12.27
CA ARG A 130 -3.71 -5.03 -13.40
C ARG A 130 -4.12 -6.33 -14.07
N ASN A 131 -5.20 -6.24 -14.85
CA ASN A 131 -5.71 -7.35 -15.63
C ASN A 131 -6.32 -6.64 -16.83
N ASN A 132 -5.66 -6.77 -17.99
CA ASN A 132 -6.15 -6.12 -19.19
C ASN A 132 -7.04 -6.98 -20.08
N GLU A 133 -7.41 -8.15 -19.59
CA GLU A 133 -8.34 -9.01 -20.33
C GLU A 133 -9.30 -9.68 -19.35
N ALA A 134 -10.16 -8.84 -18.78
CA ALA A 134 -11.16 -9.26 -17.81
C ALA A 134 -12.47 -9.63 -18.48
N THR A 135 -13.28 -10.41 -17.79
CA THR A 135 -14.56 -10.84 -18.31
C THR A 135 -15.74 -10.41 -17.43
N GLY A 136 -16.77 -9.88 -18.06
CA GLY A 136 -17.96 -9.45 -17.33
C GLY A 136 -17.99 -7.98 -16.92
N THR A 137 -16.84 -7.32 -16.95
CA THR A 137 -16.77 -5.91 -16.57
C THR A 137 -17.49 -5.03 -17.59
N ALA A 138 -18.09 -3.94 -17.12
CA ALA A 138 -18.80 -3.03 -17.98
C ALA A 138 -17.92 -2.39 -19.04
N THR A 139 -18.47 -2.20 -20.23
CA THR A 139 -17.76 -1.55 -21.32
C THR A 139 -18.73 -0.53 -21.93
N GLY A 140 -18.20 0.37 -22.75
CA GLY A 140 -19.05 1.38 -23.35
C GLY A 140 -19.69 2.26 -22.28
N ASP A 141 -21.01 2.36 -22.33
CA ASP A 141 -21.74 3.18 -21.36
C ASP A 141 -22.55 2.31 -20.40
N GLU A 142 -22.16 1.05 -20.27
CA GLU A 142 -22.87 0.12 -19.38
C GLU A 142 -22.68 0.47 -17.90
N ALA A 143 -23.73 0.27 -17.12
CA ALA A 143 -23.71 0.58 -15.69
C ALA A 143 -22.86 -0.39 -14.88
N GLU A 144 -22.29 0.11 -13.79
CA GLU A 144 -21.48 -0.71 -12.92
C GLU A 144 -21.38 -0.06 -11.56
N GLY A 145 -20.93 -0.84 -10.58
CA GLY A 145 -20.75 -0.36 -9.24
C GLY A 145 -19.45 -0.95 -8.73
N MET A 146 -18.93 -0.41 -7.63
CA MET A 146 -17.69 -0.92 -7.06
C MET A 146 -17.49 -0.33 -5.68
N TYR A 147 -16.52 -0.87 -4.95
CA TYR A 147 -16.20 -0.39 -3.62
C TYR A 147 -14.87 -1.01 -3.23
N ALA A 148 -14.24 -0.43 -2.21
CA ALA A 148 -12.97 -0.93 -1.72
C ALA A 148 -12.80 -0.42 -0.30
N VAL A 149 -12.16 -1.23 0.54
CA VAL A 149 -11.89 -0.86 1.93
C VAL A 149 -10.41 -0.47 1.89
N LEU A 150 -10.14 0.83 2.08
CA LEU A 150 -8.78 1.34 2.02
C LEU A 150 -8.34 1.98 3.32
N ASP A 151 -7.07 2.39 3.36
CA ASP A 151 -6.50 3.05 4.53
C ASP A 151 -6.54 4.55 4.27
N GLY A 152 -7.38 5.26 5.02
CA GLY A 152 -7.51 6.70 4.82
C GLY A 152 -6.34 7.54 5.29
N THR A 153 -5.35 6.92 5.93
CA THR A 153 -4.17 7.63 6.42
C THR A 153 -2.93 7.32 5.59
N HIS A 154 -3.10 6.53 4.53
CA HIS A 154 -1.98 6.17 3.66
C HIS A 154 -2.34 6.62 2.26
N TYR A 155 -1.71 7.70 1.79
CA TYR A 155 -2.01 8.25 0.47
C TYR A 155 -1.09 9.42 0.17
N ASN A 156 -1.13 9.90 -1.07
CA ASN A 156 -0.35 11.06 -1.45
C ASN A 156 -1.11 11.86 -2.51
N ASP A 157 -0.44 12.78 -3.20
CA ASP A 157 -1.12 13.58 -4.21
C ASP A 157 -0.66 13.30 -5.63
N ALA A 158 0.07 12.21 -5.83
CA ALA A 158 0.55 11.88 -7.17
C ALA A 158 -0.48 10.97 -7.83
N CYS A 159 -0.51 10.99 -9.15
CA CYS A 159 -1.47 10.18 -9.90
C CYS A 159 -0.96 8.76 -10.09
N CYS A 160 -1.79 7.76 -9.78
CA CYS A 160 -3.16 7.90 -9.27
C CYS A 160 -3.48 6.63 -8.49
N PHE A 161 -3.99 6.74 -7.27
CA PHE A 161 -4.32 5.52 -6.53
C PHE A 161 -5.76 5.14 -6.82
N ASP A 162 -5.93 4.30 -7.84
CA ASP A 162 -7.26 3.88 -8.28
C ASP A 162 -7.55 2.39 -8.07
N TYR A 163 -8.82 2.05 -8.26
CA TYR A 163 -9.31 0.69 -8.23
C TYR A 163 -10.59 0.75 -9.04
N GLY A 164 -10.60 0.13 -10.21
CA GLY A 164 -11.81 0.18 -11.02
C GLY A 164 -11.58 -0.07 -12.50
N ASN A 165 -12.51 0.42 -13.32
CA ASN A 165 -12.48 0.24 -14.77
C ASN A 165 -11.44 1.11 -15.47
N ALA A 166 -10.63 0.49 -16.32
CA ALA A 166 -9.57 1.19 -17.04
C ALA A 166 -9.39 0.71 -18.47
N GLU A 167 -8.45 1.33 -19.19
CA GLU A 167 -8.19 0.98 -20.59
C GLU A 167 -7.44 -0.34 -20.76
N THR A 168 -7.82 -1.10 -21.78
CA THR A 168 -7.19 -2.39 -22.03
C THR A 168 -5.80 -2.29 -22.67
N SER A 169 -5.42 -1.08 -23.07
CA SER A 169 -4.11 -0.85 -23.69
C SER A 169 -3.11 -0.25 -22.70
N SER A 170 -3.59 0.17 -21.54
CA SER A 170 -2.73 0.78 -20.52
C SER A 170 -2.29 2.19 -20.93
N THR A 171 -2.99 2.79 -21.88
CA THR A 171 -2.69 4.14 -22.34
C THR A 171 -3.92 5.03 -22.15
N ASP A 172 -3.69 6.34 -22.10
CA ASP A 172 -4.78 7.30 -21.93
C ASP A 172 -5.47 7.52 -23.25
N THR A 173 -6.51 6.74 -23.52
CA THR A 173 -7.22 6.86 -24.78
C THR A 173 -8.32 7.92 -24.80
N GLY A 174 -8.31 8.79 -23.79
CA GLY A 174 -9.30 9.85 -23.76
C GLY A 174 -10.39 9.83 -22.69
N ALA A 175 -10.99 11.00 -22.50
CA ALA A 175 -12.06 11.19 -21.53
C ALA A 175 -13.16 10.15 -21.72
N GLY A 176 -13.63 9.56 -20.62
CA GLY A 176 -14.69 8.57 -20.69
C GLY A 176 -14.23 7.13 -20.81
N HIS A 177 -12.93 6.92 -21.00
CA HIS A 177 -12.39 5.57 -21.14
C HIS A 177 -11.97 4.97 -19.81
N MET A 178 -12.52 5.50 -18.73
CA MET A 178 -12.22 5.04 -17.39
C MET A 178 -13.36 5.35 -16.45
N GLU A 179 -13.40 4.61 -15.35
CA GLU A 179 -14.39 4.80 -14.29
C GLU A 179 -13.90 4.00 -13.08
N ALA A 180 -13.17 4.66 -12.20
CA ALA A 180 -12.62 3.97 -11.03
C ALA A 180 -12.54 4.82 -9.78
N ILE A 181 -12.44 4.13 -8.65
CA ILE A 181 -12.33 4.79 -7.36
C ILE A 181 -10.93 5.38 -7.28
N TYR A 182 -10.84 6.56 -6.66
CA TYR A 182 -9.56 7.24 -6.44
C TYR A 182 -9.60 7.79 -5.03
N LEU A 183 -8.48 7.67 -4.31
CA LEU A 183 -8.37 8.19 -2.95
C LEU A 183 -6.98 8.80 -2.76
N GLY A 184 -6.96 10.11 -2.52
CA GLY A 184 -5.71 10.82 -2.33
C GLY A 184 -6.00 12.30 -2.25
N ASN A 185 -4.97 13.15 -2.19
CA ASN A 185 -5.21 14.59 -2.13
C ASN A 185 -4.61 15.33 -3.31
N SER A 186 -4.55 14.63 -4.45
CA SER A 186 -4.07 15.26 -5.67
C SER A 186 -5.07 16.37 -5.94
N THR A 187 -4.61 17.49 -6.48
CA THR A 187 -5.50 18.60 -6.78
C THR A 187 -5.29 19.04 -8.22
N THR A 188 -4.54 18.24 -8.96
CA THR A 188 -4.24 18.50 -10.36
C THR A 188 -5.49 18.50 -11.25
N TRP A 189 -6.51 17.75 -10.83
CA TRP A 189 -7.78 17.70 -11.56
C TRP A 189 -8.88 18.12 -10.60
N GLY A 190 -9.60 17.15 -10.06
CA GLY A 190 -10.64 17.49 -9.12
C GLY A 190 -10.11 17.43 -7.70
N TYR A 191 -10.93 17.90 -6.76
CA TYR A 191 -10.58 17.86 -5.35
C TYR A 191 -11.75 18.43 -4.57
N GLY A 192 -11.88 18.02 -3.32
CA GLY A 192 -12.98 18.48 -2.52
C GLY A 192 -12.59 19.48 -1.46
N ALA A 193 -13.32 19.44 -0.34
CA ALA A 193 -13.10 20.34 0.78
C ALA A 193 -12.01 19.82 1.71
N GLY A 194 -11.34 20.75 2.39
CA GLY A 194 -10.29 20.38 3.33
C GLY A 194 -8.92 20.05 2.76
N ASP A 195 -8.09 19.42 3.59
CA ASP A 195 -6.75 19.06 3.20
C ASP A 195 -6.72 17.72 2.46
N GLY A 196 -7.80 16.96 2.57
CA GLY A 196 -7.85 15.67 1.91
C GLY A 196 -7.59 14.54 2.89
N PRO A 197 -7.55 13.27 2.43
CA PRO A 197 -7.74 12.87 1.03
C PRO A 197 -9.24 12.87 0.66
N TRP A 198 -9.53 12.78 -0.63
CA TRP A 198 -10.91 12.77 -1.10
C TRP A 198 -11.18 11.52 -1.94
N ILE A 199 -12.39 11.01 -1.87
CA ILE A 199 -12.78 9.87 -2.69
C ILE A 199 -13.31 10.49 -3.98
N MET A 200 -12.65 10.21 -5.10
CA MET A 200 -13.11 10.76 -6.36
C MET A 200 -13.25 9.62 -7.38
N VAL A 201 -13.81 9.95 -8.54
CA VAL A 201 -14.02 8.97 -9.58
C VAL A 201 -13.15 9.34 -10.78
N ASP A 202 -12.24 8.44 -11.14
CA ASP A 202 -11.35 8.67 -12.27
C ASP A 202 -12.10 8.33 -13.56
N MET A 203 -12.37 9.33 -14.38
CA MET A 203 -13.09 9.12 -15.64
C MET A 203 -12.18 9.38 -16.86
N ALA A 204 -10.87 9.42 -16.61
CA ALA A 204 -9.85 9.67 -17.65
C ALA A 204 -9.70 11.16 -17.90
N ASN A 205 -8.48 11.66 -17.73
CA ASN A 205 -8.18 13.08 -17.91
C ASN A 205 -8.98 13.91 -16.92
N ASN A 206 -9.25 13.34 -15.74
CA ASN A 206 -10.05 14.02 -14.72
C ASN A 206 -10.43 13.12 -13.55
N LEU A 207 -10.22 13.61 -12.34
CA LEU A 207 -10.62 12.89 -11.14
C LEU A 207 -11.76 13.80 -10.68
N PHE A 208 -12.99 13.31 -10.74
CA PHE A 208 -14.13 14.13 -10.35
C PHE A 208 -14.58 13.98 -8.90
N SER A 209 -14.78 15.13 -8.26
CA SER A 209 -15.24 15.20 -6.88
C SER A 209 -16.67 15.72 -6.90
N GLY A 210 -17.19 15.90 -8.12
CA GLY A 210 -18.54 16.40 -8.30
C GLY A 210 -18.82 16.69 -9.76
N ALA A 211 -19.88 17.45 -10.01
CA ALA A 211 -20.29 17.82 -11.37
C ALA A 211 -19.26 18.65 -12.13
N ASP A 212 -18.62 19.59 -11.47
CA ASP A 212 -17.65 20.43 -12.15
C ASP A 212 -16.23 19.90 -12.13
N GLU A 213 -15.43 20.34 -13.09
CA GLU A 213 -14.04 19.95 -13.15
C GLU A 213 -13.40 20.73 -12.01
N GLY A 214 -12.33 20.21 -11.44
CA GLY A 214 -11.68 20.92 -10.35
C GLY A 214 -12.38 20.82 -9.00
N TYR A 215 -12.52 21.95 -8.34
CA TYR A 215 -13.13 22.00 -7.01
C TYR A 215 -14.63 21.73 -6.95
N ASN A 216 -15.04 21.05 -5.89
CA ASN A 216 -16.43 20.71 -5.62
C ASN A 216 -16.48 20.59 -4.10
N SER A 217 -17.16 21.53 -3.45
CA SER A 217 -17.25 21.56 -1.99
C SER A 217 -18.04 20.43 -1.33
N GLY A 218 -18.84 19.73 -2.12
CA GLY A 218 -19.63 18.64 -1.55
C GLY A 218 -18.84 17.39 -1.22
N ASP A 219 -17.60 17.29 -1.69
CA ASP A 219 -16.78 16.11 -1.42
C ASP A 219 -15.84 16.42 -0.27
N PRO A 220 -16.12 15.85 0.92
CA PRO A 220 -15.32 16.06 2.12
C PRO A 220 -14.04 15.25 2.22
N SER A 221 -13.14 15.71 3.09
CA SER A 221 -11.90 15.00 3.33
C SER A 221 -12.32 13.78 4.15
N ILE A 222 -11.77 12.61 3.82
CA ILE A 222 -12.12 11.42 4.57
C ILE A 222 -10.80 10.72 4.91
N SER A 223 -10.43 10.78 6.19
CA SER A 223 -9.16 10.20 6.64
C SER A 223 -9.24 9.06 7.65
N TYR A 224 -10.35 8.33 7.66
CA TYR A 224 -10.49 7.22 8.61
C TYR A 224 -9.43 6.16 8.34
N ARG A 225 -8.95 5.53 9.41
CA ARG A 225 -7.94 4.49 9.27
C ARG A 225 -8.44 3.40 8.32
N PHE A 226 -9.75 3.18 8.31
CA PHE A 226 -10.38 2.21 7.42
C PHE A 226 -11.52 2.92 6.74
N VAL A 227 -11.43 3.06 5.42
CA VAL A 227 -12.43 3.77 4.63
C VAL A 227 -13.12 2.91 3.58
N THR A 228 -14.44 3.02 3.52
CA THR A 228 -15.22 2.30 2.52
C THR A 228 -15.53 3.33 1.43
N ALA A 229 -15.05 3.07 0.23
CA ALA A 229 -15.32 3.98 -0.88
C ALA A 229 -16.23 3.26 -1.86
N ALA A 230 -17.45 3.77 -2.01
CA ALA A 230 -18.43 3.16 -2.92
C ALA A 230 -18.70 4.09 -4.09
N VAL A 231 -18.43 3.59 -5.29
CA VAL A 231 -18.62 4.37 -6.50
C VAL A 231 -19.45 3.59 -7.51
N LYS A 232 -20.24 4.32 -8.30
CA LYS A 232 -21.05 3.67 -9.32
C LYS A 232 -21.31 4.63 -10.47
N GLY A 233 -21.52 4.05 -11.66
CA GLY A 233 -21.77 4.85 -12.85
C GLY A 233 -22.74 4.16 -13.78
N GLY A 234 -23.59 4.96 -14.44
CA GLY A 234 -24.57 4.43 -15.37
C GLY A 234 -24.85 5.44 -16.46
N ALA A 235 -25.94 5.26 -17.18
CA ALA A 235 -26.31 6.15 -18.27
C ALA A 235 -26.53 7.56 -17.76
N ASP A 236 -25.55 8.41 -18.01
CA ASP A 236 -25.57 9.81 -17.60
C ASP A 236 -25.90 9.99 -16.12
N LYS A 237 -25.23 9.21 -15.27
CA LYS A 237 -25.41 9.29 -13.83
C LYS A 237 -24.26 8.53 -13.16
N TRP A 238 -23.88 8.98 -11.97
CA TRP A 238 -22.81 8.35 -11.22
C TRP A 238 -22.92 8.88 -9.80
N ALA A 239 -22.14 8.32 -8.88
CA ALA A 239 -22.20 8.76 -7.50
C ALA A 239 -20.98 8.38 -6.68
N ILE A 240 -20.79 9.11 -5.60
CA ILE A 240 -19.69 8.87 -4.68
C ILE A 240 -20.30 8.72 -3.29
N ARG A 241 -19.95 7.64 -2.60
CA ARG A 241 -20.44 7.40 -1.25
C ARG A 241 -19.25 6.93 -0.43
N GLY A 242 -19.12 7.48 0.77
CA GLY A 242 -18.01 7.10 1.62
C GLY A 242 -18.44 6.83 3.04
N ALA A 243 -17.57 6.18 3.80
CA ALA A 243 -17.90 5.87 5.17
C ALA A 243 -16.72 5.30 5.93
N ASN A 244 -16.83 5.33 7.26
CA ASN A 244 -15.81 4.76 8.12
C ASN A 244 -16.11 3.25 7.98
N ALA A 245 -15.18 2.51 7.40
CA ALA A 245 -15.40 1.07 7.20
C ALA A 245 -15.51 0.30 8.52
N ALA A 246 -15.25 0.96 9.64
CA ALA A 246 -15.32 0.31 10.96
C ALA A 246 -16.57 0.67 11.74
N SER A 247 -17.32 1.66 11.26
CA SER A 247 -18.51 2.10 11.97
C SER A 247 -19.42 3.03 11.21
N GLY A 248 -20.73 2.81 11.29
CA GLY A 248 -21.66 3.71 10.64
C GLY A 248 -22.11 3.50 9.20
N SER A 249 -22.83 4.49 8.70
CA SER A 249 -23.38 4.46 7.36
C SER A 249 -22.55 5.12 6.28
N LEU A 250 -22.95 4.87 5.04
CA LEU A 250 -22.30 5.46 3.88
C LEU A 250 -23.00 6.80 3.71
N SER A 251 -22.23 7.83 3.37
CA SER A 251 -22.80 9.14 3.15
C SER A 251 -22.65 9.39 1.67
N THR A 252 -23.59 10.10 1.06
CA THR A 252 -23.51 10.38 -0.36
C THR A 252 -22.88 11.74 -0.61
N TYR A 253 -21.70 11.74 -1.23
CA TYR A 253 -21.00 12.99 -1.51
C TYR A 253 -21.39 13.56 -2.86
N TYR A 254 -21.85 12.69 -3.74
CA TYR A 254 -22.32 13.11 -5.06
C TYR A 254 -23.26 12.09 -5.64
N SER A 255 -24.27 12.59 -6.35
CA SER A 255 -25.27 11.77 -7.00
C SER A 255 -25.92 12.63 -8.08
N GLY A 256 -25.73 12.28 -9.34
CA GLY A 256 -26.31 13.07 -10.41
C GLY A 256 -25.74 12.79 -11.79
N ALA A 257 -26.03 13.68 -12.73
CA ALA A 257 -25.57 13.54 -14.11
C ALA A 257 -24.06 13.60 -14.26
N ARG A 258 -23.58 13.11 -15.39
CA ARG A 258 -22.15 13.10 -15.72
C ARG A 258 -21.65 14.53 -15.80
N PRO A 259 -20.33 14.72 -15.66
CA PRO A 259 -19.80 16.09 -15.75
C PRO A 259 -20.14 16.56 -17.15
N ASP A 260 -20.63 17.79 -17.28
CA ASP A 260 -21.01 18.29 -18.59
C ASP A 260 -19.82 18.77 -19.40
N TYR A 261 -19.00 17.81 -19.81
CA TYR A 261 -17.81 18.08 -20.60
C TYR A 261 -17.77 16.97 -21.66
N SER A 262 -17.25 17.29 -22.84
CA SER A 262 -17.19 16.31 -23.93
C SER A 262 -16.48 15.00 -23.57
N GLY A 263 -17.06 13.88 -24.01
CA GLY A 263 -16.46 12.59 -23.75
C GLY A 263 -16.92 11.83 -22.51
N TYR A 264 -17.63 12.52 -21.61
CA TYR A 264 -18.09 11.89 -20.39
C TYR A 264 -19.51 11.32 -20.46
N ASN A 265 -20.22 11.59 -21.56
CA ASN A 265 -21.56 11.06 -21.74
C ASN A 265 -21.96 11.02 -23.21
N PRO A 266 -22.15 9.82 -23.76
CA PRO A 266 -22.03 8.52 -23.08
C PRO A 266 -20.56 8.18 -22.79
N MET A 267 -20.33 7.28 -21.83
CA MET A 267 -18.98 6.87 -21.46
C MET A 267 -18.47 5.82 -22.46
N SER A 268 -17.17 5.59 -22.47
CA SER A 268 -16.55 4.62 -23.37
C SER A 268 -15.65 3.66 -22.60
N LYS A 269 -16.16 3.12 -21.49
CA LYS A 269 -15.40 2.18 -20.65
C LYS A 269 -14.79 1.08 -21.48
N GLU A 270 -13.66 0.53 -21.03
CA GLU A 270 -12.99 -0.53 -21.78
C GLU A 270 -12.96 -1.88 -21.07
N GLY A 271 -13.29 -1.88 -19.79
CA GLY A 271 -13.35 -3.12 -19.03
C GLY A 271 -12.13 -3.71 -18.35
N ALA A 272 -11.01 -3.02 -18.38
CA ALA A 272 -9.81 -3.52 -17.72
C ALA A 272 -9.92 -3.18 -16.24
N ILE A 273 -9.11 -3.84 -15.42
CA ILE A 273 -9.13 -3.61 -13.99
C ILE A 273 -7.74 -3.19 -13.50
N ILE A 274 -7.68 -2.04 -12.84
CA ILE A 274 -6.41 -1.56 -12.31
C ILE A 274 -6.49 -1.41 -10.79
N LEU A 275 -5.32 -1.36 -10.16
CA LEU A 275 -5.22 -1.18 -8.71
C LEU A 275 -3.95 -0.43 -8.36
N GLY A 276 -4.11 0.68 -7.63
CA GLY A 276 -2.97 1.48 -7.19
C GLY A 276 -2.34 2.37 -8.24
N ILE A 277 -2.84 2.30 -9.47
CA ILE A 277 -2.28 3.09 -10.56
C ILE A 277 -3.32 3.82 -11.39
N GLY A 278 -2.85 4.64 -12.32
CA GLY A 278 -3.74 5.35 -13.21
C GLY A 278 -3.94 4.51 -14.45
N GLY A 279 -4.89 4.88 -15.31
CA GLY A 279 -5.14 4.12 -16.51
C GLY A 279 -3.97 3.97 -17.45
N ASP A 280 -3.19 5.03 -17.60
CA ASP A 280 -2.01 5.03 -18.48
C ASP A 280 -0.76 4.61 -17.71
N ASN A 281 -0.99 3.92 -16.60
CA ASN A 281 0.05 3.43 -15.70
C ASN A 281 0.80 4.50 -14.92
N SER A 282 0.15 5.63 -14.63
CA SER A 282 0.81 6.63 -13.81
C SER A 282 1.02 5.85 -12.51
N ASN A 283 2.25 5.79 -12.03
CA ASN A 283 2.54 5.03 -10.82
C ASN A 283 3.28 5.75 -9.69
N GLY A 284 2.83 6.95 -9.35
CA GLY A 284 3.49 7.69 -8.28
C GLY A 284 2.66 7.75 -7.00
N ALA A 285 1.48 7.12 -7.01
CA ALA A 285 0.59 7.14 -5.86
C ALA A 285 0.81 6.01 -4.85
N GLN A 286 0.29 6.18 -3.63
CA GLN A 286 0.41 5.17 -2.59
C GLN A 286 -0.94 4.96 -1.90
N GLY A 287 -1.11 3.77 -1.33
CA GLY A 287 -2.36 3.46 -0.64
C GLY A 287 -2.40 2.01 -0.17
N THR A 288 -3.46 1.65 0.53
CA THR A 288 -3.62 0.29 1.02
C THR A 288 -5.00 -0.27 0.67
N PHE A 289 -4.99 -1.43 0.02
CA PHE A 289 -6.20 -2.12 -0.41
C PHE A 289 -6.40 -3.37 0.47
N TYR A 290 -7.60 -3.52 1.02
CA TYR A 290 -7.91 -4.67 1.86
C TYR A 290 -8.91 -5.59 1.18
N GLU A 291 -9.93 -5.00 0.57
CA GLU A 291 -10.93 -5.78 -0.15
C GLU A 291 -11.71 -4.85 -1.07
N GLY A 292 -12.24 -5.40 -2.14
CA GLY A 292 -13.00 -4.59 -3.07
C GLY A 292 -13.60 -5.48 -4.14
N VAL A 293 -14.56 -4.94 -4.87
CA VAL A 293 -15.23 -5.67 -5.94
C VAL A 293 -15.74 -4.71 -6.98
N MET A 294 -16.11 -5.26 -8.12
CA MET A 294 -16.69 -4.52 -9.22
C MET A 294 -17.97 -5.27 -9.57
N THR A 295 -19.02 -4.56 -9.93
CA THR A 295 -20.25 -5.25 -10.27
C THR A 295 -20.73 -4.85 -11.64
N SER A 296 -21.75 -5.58 -12.09
CA SER A 296 -22.39 -5.29 -13.35
C SER A 296 -23.73 -4.71 -12.89
N GLY A 297 -24.15 -3.59 -13.48
CA GLY A 297 -25.40 -2.98 -13.08
C GLY A 297 -25.21 -1.89 -12.04
N TYR A 298 -26.15 -0.97 -11.99
CA TYR A 298 -26.09 0.16 -11.05
C TYR A 298 -26.64 -0.24 -9.67
N PRO A 299 -25.76 -0.52 -8.70
CA PRO A 299 -26.24 -0.90 -7.36
C PRO A 299 -27.15 0.15 -6.78
N SER A 300 -28.15 -0.29 -6.03
CA SER A 300 -29.08 0.64 -5.38
C SER A 300 -28.40 1.02 -4.08
N ASP A 301 -28.84 2.14 -3.50
CA ASP A 301 -28.26 2.57 -2.24
C ASP A 301 -28.51 1.54 -1.16
N ASP A 302 -29.70 0.96 -1.14
CA ASP A 302 -30.04 -0.04 -0.14
C ASP A 302 -29.06 -1.20 -0.20
N THR A 303 -28.69 -1.59 -1.41
CA THR A 303 -27.75 -2.68 -1.60
C THR A 303 -26.40 -2.35 -0.99
N GLU A 304 -25.89 -1.16 -1.30
CA GLU A 304 -24.59 -0.73 -0.78
C GLU A 304 -24.62 -0.60 0.74
N ASN A 305 -25.75 -0.15 1.30
CA ASN A 305 -25.84 0.00 2.75
C ASN A 305 -25.70 -1.34 3.44
N SER A 306 -26.27 -2.37 2.84
CA SER A 306 -26.19 -3.72 3.39
C SER A 306 -24.74 -4.16 3.37
N VAL A 307 -24.08 -3.86 2.26
CA VAL A 307 -22.66 -4.19 2.09
C VAL A 307 -21.86 -3.46 3.18
N GLN A 308 -22.08 -2.16 3.32
CA GLN A 308 -21.40 -1.36 4.34
C GLN A 308 -21.55 -1.96 5.73
N GLU A 309 -22.76 -2.43 6.04
CA GLU A 309 -23.02 -3.04 7.33
C GLU A 309 -22.19 -4.32 7.46
N ASN A 310 -22.14 -5.11 6.40
CA ASN A 310 -21.36 -6.35 6.42
C ASN A 310 -19.89 -6.04 6.70
N ILE A 311 -19.38 -4.96 6.09
CA ILE A 311 -18.00 -4.54 6.26
C ILE A 311 -17.77 -4.14 7.72
N VAL A 312 -18.72 -3.40 8.27
CA VAL A 312 -18.62 -2.96 9.66
C VAL A 312 -18.55 -4.20 10.54
N ALA A 313 -19.33 -5.22 10.19
CA ALA A 313 -19.38 -6.47 10.94
C ALA A 313 -18.05 -7.22 10.89
N ALA A 314 -17.33 -7.09 9.78
CA ALA A 314 -16.04 -7.75 9.61
C ALA A 314 -15.06 -7.28 10.69
N LYS A 315 -15.34 -6.11 11.25
CA LYS A 315 -14.55 -5.53 12.33
C LYS A 315 -13.06 -5.35 12.09
N TYR A 316 -12.69 -4.53 11.11
CA TYR A 316 -11.29 -4.27 10.83
C TYR A 316 -10.63 -3.53 11.99
N VAL A 317 -9.42 -3.93 12.34
CA VAL A 317 -8.66 -3.30 13.41
C VAL A 317 -7.19 -3.40 13.04
N VAL A 318 -6.46 -2.32 13.23
CA VAL A 318 -5.04 -2.30 12.89
C VAL A 318 -4.26 -3.39 13.62
N GLY A 319 -3.36 -4.04 12.88
CA GLY A 319 -2.53 -5.09 13.46
C GLY A 319 -1.16 -4.53 13.83
N SER A 320 -0.31 -5.36 14.42
CA SER A 320 1.01 -4.91 14.81
C SER A 320 2.01 -4.91 13.66
N LEU A 321 2.72 -3.80 13.50
CA LEU A 321 3.71 -3.64 12.44
C LEU A 321 5.11 -4.03 12.93
N VAL A 322 5.25 -4.16 14.25
CA VAL A 322 6.55 -4.49 14.86
C VAL A 322 6.64 -5.91 15.41
N SER A 323 7.85 -6.47 15.36
CA SER A 323 8.15 -7.81 15.86
C SER A 323 9.62 -7.84 16.23
N GLY A 324 10.00 -8.69 17.17
CA GLY A 324 11.38 -8.76 17.58
C GLY A 324 11.70 -7.80 18.71
N PRO A 325 12.98 -7.56 19.02
CA PRO A 325 13.43 -6.66 20.09
C PRO A 325 12.59 -5.39 20.27
N SER A 326 12.71 -4.47 19.32
CA SER A 326 11.98 -3.20 19.36
C SER A 326 12.60 -2.19 20.34
N PHE A 327 12.18 -0.93 20.23
CA PHE A 327 12.73 0.12 21.07
C PHE A 327 11.70 0.89 21.88
N THR A 328 12.19 1.86 22.63
CA THR A 328 11.34 2.72 23.46
C THR A 328 11.74 4.15 23.14
N SER A 329 10.75 5.03 23.00
CA SER A 329 11.04 6.42 22.68
C SER A 329 12.01 7.03 23.68
N GLY A 330 13.08 7.64 23.16
CA GLY A 330 14.06 8.27 24.02
C GLY A 330 15.30 7.43 24.26
N GLU A 331 15.18 6.14 24.02
CA GLU A 331 16.29 5.21 24.21
C GLU A 331 17.43 5.55 23.25
N VAL A 332 18.67 5.45 23.70
CA VAL A 332 19.80 5.72 22.83
C VAL A 332 20.51 4.41 22.54
N VAL A 333 20.73 4.11 21.27
CA VAL A 333 21.37 2.85 20.90
C VAL A 333 22.44 2.96 19.82
N SER A 334 23.14 1.85 19.62
CA SER A 334 24.15 1.72 18.58
C SER A 334 23.76 0.42 17.89
N LEU A 335 23.86 0.38 16.56
CA LEU A 335 23.47 -0.79 15.80
C LEU A 335 24.67 -1.47 15.17
N ARG A 336 24.95 -2.70 15.60
CA ARG A 336 26.09 -3.45 15.10
C ARG A 336 25.78 -4.38 13.95
N VAL A 337 26.69 -4.40 12.99
CA VAL A 337 26.57 -5.25 11.81
C VAL A 337 26.74 -6.71 12.23
N THR A 338 25.96 -7.61 11.64
CA THR A 338 26.06 -9.01 11.98
C THR A 338 26.57 -9.85 10.81
N THR A 339 26.88 -9.19 9.70
CA THR A 339 27.37 -9.90 8.52
C THR A 339 28.80 -10.37 8.77
N PRO A 340 29.05 -11.67 8.60
CA PRO A 340 30.41 -12.21 8.81
C PRO A 340 31.45 -11.43 8.02
N GLY A 341 32.44 -10.87 8.71
CA GLY A 341 33.48 -10.11 8.05
C GLY A 341 33.36 -8.60 8.20
N TYR A 342 32.32 -8.16 8.87
CA TYR A 342 32.06 -6.74 9.07
C TYR A 342 31.47 -6.55 10.47
N THR A 343 31.50 -7.64 11.23
CA THR A 343 30.96 -7.72 12.58
C THR A 343 31.48 -6.73 13.62
N THR A 344 32.43 -5.87 13.24
CA THR A 344 32.95 -4.88 14.17
C THR A 344 32.49 -3.48 13.77
N ARG A 345 31.69 -3.40 12.71
CA ARG A 345 31.18 -2.12 12.23
C ARG A 345 29.84 -1.80 12.86
N TYR A 346 29.49 -0.52 12.81
CA TYR A 346 28.24 -0.04 13.37
C TYR A 346 27.65 0.96 12.38
N ILE A 347 26.33 1.16 12.44
CA ILE A 347 25.71 2.13 11.57
C ILE A 347 26.07 3.52 12.08
N ALA A 348 26.77 4.30 11.26
CA ALA A 348 27.16 5.64 11.64
C ALA A 348 26.91 6.56 10.45
N HIS A 349 27.60 7.71 10.41
CA HIS A 349 27.43 8.62 9.29
C HIS A 349 28.60 9.59 9.16
N THR A 350 28.79 10.08 7.94
CA THR A 350 29.83 11.03 7.61
C THR A 350 29.07 12.12 6.86
N ASP A 351 28.59 13.11 7.59
CA ASP A 351 27.79 14.17 7.02
C ASP A 351 26.43 13.53 6.74
N THR A 352 25.82 13.85 5.60
CA THR A 352 24.51 13.28 5.28
C THR A 352 24.59 11.82 4.85
N THR A 353 25.80 11.29 4.69
CA THR A 353 25.96 9.91 4.26
C THR A 353 25.87 8.94 5.43
N VAL A 354 24.90 8.05 5.39
CA VAL A 354 24.77 7.04 6.43
C VAL A 354 25.55 5.84 5.93
N ASN A 355 26.50 5.40 6.74
CA ASN A 355 27.35 4.27 6.37
C ASN A 355 27.65 3.41 7.59
N THR A 356 28.54 2.45 7.44
CA THR A 356 28.94 1.60 8.56
C THR A 356 30.42 1.84 8.77
N GLN A 357 30.81 2.01 10.03
CA GLN A 357 32.20 2.26 10.34
C GLN A 357 32.61 1.46 11.55
N VAL A 358 33.90 1.20 11.66
CA VAL A 358 34.44 0.47 12.79
C VAL A 358 34.47 1.44 13.95
N VAL A 359 33.70 1.14 14.98
CA VAL A 359 33.65 2.01 16.15
C VAL A 359 33.98 1.19 17.39
N ASP A 360 34.87 1.73 18.23
CA ASP A 360 35.28 1.06 19.45
C ASP A 360 35.61 2.09 20.55
N ASP A 361 36.15 1.61 21.66
CA ASP A 361 36.49 2.51 22.77
C ASP A 361 37.54 3.57 22.45
N ASP A 362 38.38 3.32 21.45
CA ASP A 362 39.41 4.28 21.07
C ASP A 362 38.87 5.36 20.12
N SER A 363 37.66 5.15 19.60
CA SER A 363 37.05 6.11 18.68
C SER A 363 36.84 7.47 19.34
N SER A 364 36.90 8.54 18.55
CA SER A 364 36.70 9.88 19.07
C SER A 364 35.25 10.02 19.54
N THR A 365 34.99 11.06 20.34
CA THR A 365 33.64 11.29 20.81
C THR A 365 32.71 11.66 19.65
N THR A 366 33.27 12.30 18.63
CA THR A 366 32.48 12.69 17.47
C THR A 366 31.99 11.45 16.71
N LEU A 367 32.86 10.45 16.56
CA LEU A 367 32.47 9.23 15.87
C LEU A 367 31.53 8.40 16.73
N LYS A 368 31.75 8.43 18.05
CA LYS A 368 30.90 7.70 18.97
C LYS A 368 29.47 8.22 18.87
N GLU A 369 29.34 9.53 18.64
CA GLU A 369 28.03 10.14 18.51
C GLU A 369 27.41 9.86 17.14
N GLU A 370 28.24 9.84 16.10
CA GLU A 370 27.77 9.56 14.75
C GLU A 370 27.26 8.13 14.68
N ALA A 371 27.70 7.30 15.63
CA ALA A 371 27.31 5.91 15.70
C ALA A 371 26.28 5.66 16.80
N SER A 372 25.77 6.73 17.38
CA SER A 372 24.76 6.61 18.45
C SER A 372 23.45 7.21 17.95
N TRP A 373 22.36 6.49 18.16
CA TRP A 373 21.06 6.97 17.70
C TRP A 373 19.96 7.05 18.75
N THR A 374 19.28 8.17 18.79
CA THR A 374 18.17 8.38 19.72
C THR A 374 16.91 7.92 19.00
N VAL A 375 16.28 6.88 19.53
CA VAL A 375 15.06 6.34 18.96
C VAL A 375 13.85 7.15 19.43
N VAL A 376 13.05 7.60 18.47
CA VAL A 376 11.85 8.37 18.80
C VAL A 376 10.63 7.75 18.10
N THR A 377 9.45 8.08 18.59
CA THR A 377 8.19 7.58 18.03
C THR A 377 8.15 7.87 16.53
N GLY A 378 7.86 6.83 15.74
CA GLY A 378 7.81 6.99 14.29
C GLY A 378 7.17 8.29 13.83
N LEU A 379 7.89 9.06 13.02
CA LEU A 379 7.37 10.34 12.52
C LEU A 379 6.11 10.19 11.67
N ALA A 380 5.94 9.05 10.99
CA ALA A 380 4.78 8.83 10.14
C ALA A 380 3.79 7.81 10.72
N ASN A 381 4.26 7.01 11.68
CA ASN A 381 3.41 5.99 12.30
C ASN A 381 3.84 5.77 13.74
N SER A 382 2.90 5.94 14.67
CA SER A 382 3.20 5.82 16.11
C SER A 382 3.62 4.43 16.56
N GLN A 383 3.41 3.41 15.73
CA GLN A 383 3.79 2.05 16.08
C GLN A 383 5.28 1.81 15.83
N CYS A 384 5.82 2.50 14.83
CA CYS A 384 7.21 2.31 14.46
C CYS A 384 8.14 3.38 15.02
N PHE A 385 9.32 3.56 14.42
CA PHE A 385 10.26 4.54 14.96
C PHE A 385 11.05 5.34 13.93
N SER A 386 11.72 6.37 14.43
CA SER A 386 12.57 7.23 13.61
C SER A 386 13.89 7.36 14.38
N PHE A 387 14.99 7.39 13.65
CA PHE A 387 16.29 7.46 14.28
C PHE A 387 16.99 8.81 14.13
N GLU A 388 17.11 9.50 15.26
CA GLU A 388 17.72 10.82 15.32
C GLU A 388 19.21 10.77 15.68
N SER A 389 20.00 11.54 14.94
CA SER A 389 21.44 11.62 15.16
C SER A 389 21.76 12.24 16.50
N VAL A 390 22.65 11.58 17.26
CA VAL A 390 23.05 12.10 18.56
C VAL A 390 23.91 13.35 18.39
N ASP A 391 24.90 13.29 17.49
CA ASP A 391 25.77 14.45 17.26
C ASP A 391 25.04 15.59 16.55
N THR A 392 24.10 15.26 15.68
CA THR A 392 23.36 16.28 14.95
C THR A 392 21.87 16.23 15.29
N PRO A 393 21.49 16.61 16.50
CA PRO A 393 20.07 16.59 16.88
C PRO A 393 19.24 17.31 15.83
N GLY A 394 17.99 16.89 15.66
CA GLY A 394 17.12 17.54 14.69
C GLY A 394 17.16 16.88 13.32
N SER A 395 18.11 15.98 13.11
CA SER A 395 18.25 15.26 11.86
C SER A 395 17.96 13.78 12.11
N TYR A 396 17.39 13.11 11.10
CA TYR A 396 17.05 11.70 11.22
C TYR A 396 17.51 10.91 10.00
N ILE A 397 17.50 9.59 10.16
CA ILE A 397 17.87 8.71 9.06
C ILE A 397 16.66 8.63 8.12
N ARG A 398 16.88 8.94 6.85
CA ARG A 398 15.79 8.92 5.90
C ARG A 398 16.28 8.34 4.57
N HIS A 399 15.37 7.71 3.83
CA HIS A 399 15.75 7.14 2.55
C HIS A 399 15.39 8.14 1.45
N TYR A 400 16.35 8.38 0.55
CA TYR A 400 16.17 9.30 -0.55
C TYR A 400 16.70 8.57 -1.77
N ASN A 401 15.85 8.36 -2.77
CA ASN A 401 16.26 7.62 -3.95
C ASN A 401 16.85 6.30 -3.47
N PHE A 402 16.29 5.84 -2.35
CA PHE A 402 16.65 4.59 -1.70
C PHE A 402 18.00 4.52 -0.99
N GLU A 403 18.63 5.66 -0.81
CA GLU A 403 19.89 5.71 -0.06
C GLU A 403 19.48 6.24 1.30
N LEU A 404 20.18 5.84 2.35
CA LEU A 404 19.87 6.35 3.67
C LEU A 404 20.77 7.56 3.94
N LEU A 405 20.14 8.71 4.15
CA LEU A 405 20.86 9.94 4.40
C LEU A 405 20.46 10.49 5.74
N LEU A 406 21.31 11.32 6.31
CA LEU A 406 21.00 11.96 7.58
C LEU A 406 20.61 13.39 7.23
N ASN A 407 19.32 13.68 7.25
CA ASN A 407 18.81 15.01 6.93
C ASN A 407 18.04 15.60 8.08
N ALA A 408 17.79 16.90 7.99
CA ALA A 408 17.07 17.60 9.05
C ALA A 408 15.58 17.50 8.85
N ASN A 409 14.85 17.14 9.91
CA ASN A 409 13.39 17.03 9.87
C ASN A 409 12.84 18.39 9.42
N ASP A 410 12.25 18.44 8.23
CA ASP A 410 11.68 19.69 7.75
C ASP A 410 10.18 19.76 7.99
N GLY A 411 9.69 18.88 8.87
CA GLY A 411 8.28 18.86 9.22
C GLY A 411 7.28 18.35 8.19
N THR A 412 7.70 18.14 6.94
CA THR A 412 6.78 17.66 5.91
C THR A 412 6.43 16.18 6.01
N LYS A 413 5.28 15.84 5.46
CA LYS A 413 4.79 14.46 5.43
C LYS A 413 5.81 13.59 4.70
N GLN A 414 6.27 14.06 3.55
CA GLN A 414 7.25 13.32 2.76
C GLN A 414 8.42 12.89 3.65
N PHE A 415 9.03 13.86 4.33
CA PHE A 415 10.17 13.57 5.21
C PHE A 415 9.76 12.54 6.25
N HIS A 416 8.65 12.82 6.93
CA HIS A 416 8.12 11.95 7.96
C HIS A 416 8.06 10.50 7.48
N GLU A 417 7.51 10.29 6.28
CA GLU A 417 7.38 8.94 5.74
C GLU A 417 8.70 8.33 5.32
N ASP A 418 9.61 9.16 4.79
CA ASP A 418 10.92 8.67 4.38
C ASP A 418 11.79 8.36 5.60
N ALA A 419 11.34 8.79 6.78
CA ALA A 419 12.11 8.58 8.00
C ALA A 419 11.46 7.66 9.03
N THR A 420 10.47 6.88 8.61
CA THR A 420 9.80 5.97 9.55
C THR A 420 10.14 4.52 9.25
N PHE A 421 10.60 3.81 10.28
CA PHE A 421 11.00 2.42 10.12
C PHE A 421 10.39 1.52 11.18
N CYS A 422 10.05 0.29 10.78
CA CYS A 422 9.43 -0.66 11.68
C CYS A 422 10.32 -1.85 12.01
N PRO A 423 10.59 -2.09 13.29
CA PRO A 423 11.42 -3.18 13.77
C PRO A 423 10.79 -4.53 13.45
N GLN A 424 11.56 -5.42 12.87
CA GLN A 424 11.11 -6.75 12.53
C GLN A 424 12.20 -7.70 13.02
N ALA A 425 11.80 -8.83 13.60
CA ALA A 425 12.77 -9.79 14.10
C ALA A 425 13.79 -10.03 13.00
N ALA A 426 15.07 -9.92 13.33
CA ALA A 426 16.13 -10.12 12.35
C ALA A 426 15.88 -11.35 11.48
N LEU A 427 16.14 -11.21 10.18
CA LEU A 427 15.95 -12.32 9.26
C LEU A 427 17.03 -13.37 9.44
N ASN A 428 18.24 -12.96 9.80
CA ASN A 428 19.33 -13.92 10.00
C ASN A 428 19.31 -14.38 11.47
N GLY A 429 18.25 -13.99 12.17
CA GLY A 429 18.08 -14.39 13.56
C GLY A 429 18.83 -13.57 14.59
N GLU A 430 19.71 -12.68 14.15
CA GLU A 430 20.49 -11.87 15.08
C GLU A 430 20.06 -10.43 15.21
N GLY A 431 19.29 -10.12 16.24
CA GLY A 431 18.86 -8.75 16.45
C GLY A 431 17.57 -8.32 15.77
N THR A 432 17.64 -7.20 15.06
CA THR A 432 16.48 -6.65 14.39
C THR A 432 16.72 -6.31 12.93
N SER A 433 15.64 -6.19 12.18
CA SER A 433 15.69 -5.81 10.77
C SER A 433 14.73 -4.62 10.65
N LEU A 434 15.28 -3.44 10.38
CA LEU A 434 14.48 -2.23 10.26
C LEU A 434 13.79 -2.14 8.92
N ARG A 435 12.48 -2.36 8.92
CA ARG A 435 11.72 -2.31 7.68
C ARG A 435 11.17 -0.93 7.44
N SER A 436 11.30 -0.45 6.21
CA SER A 436 10.79 0.87 5.84
C SER A 436 9.28 0.83 5.94
N TRP A 437 8.68 1.86 6.55
CA TRP A 437 7.24 1.90 6.68
C TRP A 437 6.55 2.28 5.36
N SER A 438 7.09 3.25 4.63
CA SER A 438 6.47 3.69 3.39
C SER A 438 6.76 2.73 2.23
N TYR A 439 7.84 1.96 2.35
CA TYR A 439 8.24 0.99 1.34
C TYR A 439 8.56 -0.36 2.02
N PRO A 440 7.52 -1.01 2.56
CA PRO A 440 7.65 -2.29 3.27
C PRO A 440 8.47 -3.39 2.58
N THR A 441 8.78 -3.24 1.30
CA THR A 441 9.60 -4.25 0.61
C THR A 441 11.08 -3.93 0.80
N ARG A 442 11.38 -2.84 1.49
CA ARG A 442 12.75 -2.43 1.71
C ARG A 442 13.16 -2.33 3.18
N TYR A 443 14.42 -2.68 3.47
CA TYR A 443 14.96 -2.68 4.83
C TYR A 443 16.29 -1.94 4.91
N PHE A 444 16.74 -1.67 6.13
CA PHE A 444 18.05 -1.03 6.32
C PHE A 444 18.97 -2.11 5.81
N ARG A 445 19.89 -1.76 4.92
CA ARG A 445 20.78 -2.75 4.35
C ARG A 445 22.10 -2.09 3.99
N HIS A 446 23.21 -2.71 4.39
CA HIS A 446 24.52 -2.15 4.07
C HIS A 446 25.11 -2.87 2.86
N TYR A 447 25.63 -2.08 1.94
CA TYR A 447 26.22 -2.59 0.71
C TYR A 447 27.51 -1.81 0.48
N GLU A 448 28.64 -2.48 0.67
CA GLU A 448 29.95 -1.85 0.54
C GLU A 448 30.09 -0.76 1.58
N ASN A 449 29.58 -1.04 2.78
CA ASN A 449 29.66 -0.13 3.92
C ASN A 449 28.82 1.12 3.83
N VAL A 450 27.82 1.12 2.94
CA VAL A 450 26.92 2.26 2.80
C VAL A 450 25.50 1.77 3.09
N LEU A 451 24.69 2.62 3.73
CA LEU A 451 23.33 2.24 4.06
C LEU A 451 22.29 2.60 3.01
N TYR A 452 21.48 1.61 2.64
CA TYR A 452 20.43 1.83 1.66
C TYR A 452 19.15 1.25 2.24
N ALA A 453 18.04 1.55 1.57
CA ALA A 453 16.74 1.01 1.94
C ALA A 453 16.62 0.03 0.76
N ALA A 454 17.19 -1.15 0.95
CA ALA A 454 17.22 -2.18 -0.08
C ALA A 454 16.18 -3.28 0.03
N SER A 455 15.78 -3.80 -1.12
CA SER A 455 14.81 -4.88 -1.21
C SER A 455 15.60 -6.15 -1.50
N ASN A 456 14.97 -7.30 -1.28
CA ASN A 456 15.63 -8.58 -1.54
C ASN A 456 15.59 -8.84 -3.03
N GLY A 457 16.49 -8.21 -3.77
CA GLY A 457 16.51 -8.35 -5.21
C GLY A 457 15.80 -7.14 -5.79
N GLY A 458 16.23 -6.67 -6.95
CA GLY A 458 15.60 -5.50 -7.53
C GLY A 458 16.45 -4.81 -8.58
N VAL A 459 15.97 -3.69 -9.10
CA VAL A 459 16.68 -2.97 -10.16
C VAL A 459 17.92 -2.17 -9.75
N GLN A 460 18.12 -1.98 -8.45
CA GLN A 460 19.30 -1.26 -7.96
C GLN A 460 20.37 -2.29 -7.59
N THR A 461 21.64 -1.96 -7.82
CA THR A 461 22.71 -2.89 -7.50
C THR A 461 22.73 -3.23 -6.01
N PHE A 462 22.42 -2.27 -5.15
CA PHE A 462 22.44 -2.53 -3.71
C PHE A 462 21.29 -3.41 -3.22
N ASP A 463 20.47 -3.90 -4.16
CA ASP A 463 19.36 -4.79 -3.82
C ASP A 463 19.79 -6.24 -3.98
N SER A 464 21.08 -6.46 -4.18
CA SER A 464 21.61 -7.81 -4.36
C SER A 464 21.11 -8.80 -3.33
N LYS A 465 20.76 -10.00 -3.80
CA LYS A 465 20.27 -11.05 -2.92
C LYS A 465 21.43 -11.70 -2.17
N THR A 466 22.63 -11.45 -2.65
CA THR A 466 23.82 -12.02 -2.01
C THR A 466 24.01 -11.41 -0.64
N SER A 467 23.98 -12.24 0.39
CA SER A 467 24.19 -11.79 1.76
C SER A 467 23.13 -10.79 2.23
N PHE A 468 21.95 -10.83 1.60
CA PHE A 468 20.86 -9.93 1.95
C PHE A 468 20.43 -10.00 3.41
N ASN A 469 20.04 -11.19 3.85
CA ASN A 469 19.59 -11.44 5.21
C ASN A 469 20.57 -10.94 6.27
N ASN A 470 21.85 -11.19 6.05
CA ASN A 470 22.87 -10.76 6.99
C ASN A 470 22.96 -9.23 6.97
N ASP A 471 23.02 -8.68 5.76
CA ASP A 471 23.13 -7.24 5.57
C ASP A 471 21.92 -6.43 6.09
N VAL A 472 20.82 -7.10 6.41
CA VAL A 472 19.65 -6.38 6.93
C VAL A 472 19.40 -6.73 8.39
N SER A 473 20.34 -7.44 9.00
CA SER A 473 20.22 -7.83 10.40
C SER A 473 21.24 -7.12 11.26
N PHE A 474 20.76 -6.46 12.32
CA PHE A 474 21.62 -5.72 13.23
C PHE A 474 21.33 -6.04 14.69
N GLU A 475 22.37 -6.00 15.52
CA GLU A 475 22.23 -6.24 16.95
C GLU A 475 22.07 -4.88 17.62
N ILE A 476 21.06 -4.76 18.47
CA ILE A 476 20.80 -3.52 19.20
C ILE A 476 21.72 -3.49 20.41
N GLU A 477 22.60 -2.49 20.47
CA GLU A 477 23.54 -2.40 21.58
C GLU A 477 23.58 -1.04 22.24
N THR A 478 24.15 -1.00 23.44
CA THR A 478 24.30 0.22 24.23
C THR A 478 24.99 1.28 23.39
N ALA A 479 24.41 2.48 23.36
CA ALA A 479 24.98 3.58 22.58
C ALA A 479 26.40 3.92 23.01
N PHE A 480 27.25 4.22 22.03
CA PHE A 480 28.63 4.59 22.31
C PHE A 480 28.65 5.94 23.03
N ALA A 481 27.71 6.81 22.67
CA ALA A 481 27.60 8.13 23.29
C ALA A 481 27.11 8.00 24.72
N SER A 482 27.27 6.80 25.28
CA SER A 482 26.87 6.50 26.65
C SER A 482 25.39 6.79 26.92
#